data_9CA6
#
_entry.id   9CA6
#
_cell.length_a   47.810
_cell.length_b   96.680
_cell.length_c   138.150
_cell.angle_alpha   90.000
_cell.angle_beta   90.000
_cell.angle_gamma   90.000
#
_symmetry.space_group_name_H-M   'P 21 21 21'
#
_entity_poly.entity_id   1
_entity_poly.type   'polypeptide(L)'
_entity_poly.pdbx_seq_one_letter_code
;MDFKYTEAKETIKFNNFMIHKYTVLYTSNCIMDIYSEEEKITCFSNRLVFLERGVNISVRMQKQILSEKPYVAFRLNGDM
LRHLKDALMIIYGMSKIDTNACRSMSRKIMTTEVNKTLLDELKNINSHDNSAFISSLIYLISKLENNEKIIESIYISSVS
FFSDKVRNLIEKDLSRKWTLGIIADAFNASEITIRKRLESENTNFNQILMQLRMSKAALLLLENSYQISQISNMIGISSA
SYFIRIFNKHYGVTPKQFFTYFKGG
;
_entity_poly.pdbx_strand_id   A,B
#
# COMPACT_ATOMS: atom_id res chain seq x y z
N ALA A 8 27.86 30.80 -12.19
CA ALA A 8 27.65 31.12 -13.60
C ALA A 8 26.34 30.53 -14.11
N LYS A 9 26.35 29.94 -15.27
CA LYS A 9 25.17 29.33 -15.85
C LYS A 9 24.80 28.02 -15.19
N GLU A 10 25.56 27.59 -14.22
CA GLU A 10 25.24 26.40 -13.45
C GLU A 10 24.43 26.69 -12.19
N THR A 11 24.43 27.94 -11.75
CA THR A 11 23.81 28.34 -10.49
C THR A 11 22.64 29.28 -10.76
N ILE A 12 21.57 29.12 -10.01
CA ILE A 12 20.39 29.97 -10.11
C ILE A 12 19.79 30.13 -8.71
N LYS A 13 19.11 31.25 -8.50
CA LYS A 13 18.53 31.59 -7.20
C LYS A 13 17.16 32.21 -7.45
N PHE A 14 16.11 31.40 -7.37
CA PHE A 14 14.75 31.86 -7.54
C PHE A 14 13.99 31.75 -6.23
N ASN A 15 13.16 32.76 -5.96
CA ASN A 15 12.40 32.85 -4.72
C ASN A 15 10.93 32.53 -4.96
N ASN A 16 10.19 32.37 -3.86
CA ASN A 16 8.74 32.15 -3.89
C ASN A 16 8.39 30.93 -4.75
N PHE A 17 8.99 29.79 -4.41
CA PHE A 17 8.75 28.54 -5.11
C PHE A 17 7.68 27.76 -4.37
N MET A 18 6.49 27.68 -4.96
CA MET A 18 5.32 27.10 -4.30
C MET A 18 5.19 25.63 -4.71
N ILE A 19 5.19 24.75 -3.73
CA ILE A 19 4.99 23.31 -3.98
C ILE A 19 3.48 23.08 -3.92
N HIS A 20 2.81 23.36 -5.05
CA HIS A 20 1.36 23.29 -5.10
C HIS A 20 0.84 21.86 -5.02
N LYS A 21 1.67 20.85 -5.30
CA LYS A 21 1.29 19.44 -5.16
C LYS A 21 2.46 18.69 -4.52
N TYR A 22 2.14 17.73 -3.69
CA TYR A 22 3.17 16.97 -3.00
C TYR A 22 4.11 16.34 -4.02
N THR A 23 5.39 16.70 -3.93
CA THR A 23 6.36 16.40 -4.98
C THR A 23 7.52 15.62 -4.39
N VAL A 24 7.80 14.46 -4.97
CA VAL A 24 9.03 13.73 -4.71
C VAL A 24 10.05 14.16 -5.75
N LEU A 25 11.27 14.46 -5.30
CA LEU A 25 12.23 15.17 -6.14
C LEU A 25 13.60 14.50 -6.03
N TYR A 26 14.08 13.99 -7.16
CA TYR A 26 15.45 13.50 -7.23
C TYR A 26 16.42 14.68 -7.42
N THR A 27 17.72 14.38 -7.38
CA THR A 27 18.77 15.36 -7.63
C THR A 27 19.76 14.77 -8.62
N SER A 28 19.30 14.54 -9.85
CA SER A 28 20.16 13.93 -10.86
C SER A 28 21.32 14.85 -11.26
N ASN A 29 21.05 16.14 -11.39
CA ASN A 29 22.03 17.07 -11.96
C ASN A 29 22.00 18.40 -11.20
N CYS A 30 21.97 18.36 -9.88
CA CYS A 30 21.93 19.60 -9.10
C CYS A 30 22.25 19.31 -7.64
N ILE A 31 22.77 20.34 -6.98
CA ILE A 31 22.87 20.40 -5.52
C ILE A 31 22.20 21.71 -5.11
N MET A 32 21.05 21.62 -4.44
CA MET A 32 20.23 22.79 -4.16
C MET A 32 20.15 23.04 -2.66
N ASP A 33 19.94 24.31 -2.31
CA ASP A 33 19.76 24.74 -0.93
C ASP A 33 18.37 25.37 -0.82
N ILE A 34 17.62 24.69 -0.03
CA ILE A 34 16.23 25.11 0.02
C ILE A 34 16.05 26.07 1.20
N TYR A 35 15.54 27.32 1.18
CA TYR A 35 15.56 28.35 2.21
C TYR A 35 14.15 28.62 2.71
N SER A 36 14.00 28.65 4.03
CA SER A 36 12.76 29.05 4.68
C SER A 36 12.91 30.48 5.20
N GLU A 37 11.83 30.99 5.82
CA GLU A 37 11.92 32.29 6.46
C GLU A 37 12.90 32.30 7.63
N GLU A 38 13.17 31.13 8.21
CA GLU A 38 14.13 31.03 9.30
C GLU A 38 15.03 29.80 9.24
N GLU A 39 14.78 28.84 8.34
CA GLU A 39 15.54 27.61 8.29
C GLU A 39 16.16 27.42 6.91
N LYS A 40 16.97 26.37 6.79
CA LYS A 40 17.70 26.06 5.57
C LYS A 40 17.92 24.56 5.49
N ILE A 41 17.76 24.01 4.29
CA ILE A 41 17.95 22.59 4.05
C ILE A 41 18.71 22.42 2.74
N THR A 42 19.91 21.82 2.82
CA THR A 42 20.75 21.60 1.65
C THR A 42 20.52 20.17 1.13
N CYS A 43 19.94 20.08 -0.06
CA CYS A 43 19.73 18.79 -0.73
C CYS A 43 20.96 18.45 -1.55
N PHE A 44 21.47 17.24 -1.37
CA PHE A 44 22.69 16.82 -2.05
C PHE A 44 22.36 16.10 -3.34
N SER A 45 23.40 15.84 -4.13
CA SER A 45 23.23 15.24 -5.45
C SER A 45 22.87 13.76 -5.33
N ASN A 46 22.48 13.10 -6.07
CA ASN A 46 22.04 11.70 -6.15
C ASN A 46 21.25 11.30 -4.91
N ARG A 47 20.35 12.19 -4.48
CA ARG A 47 19.51 11.91 -3.29
C ARG A 47 18.05 12.16 -3.65
N LEU A 48 16.89 11.49 -3.14
CA LEU A 48 15.43 11.72 -3.32
C LEU A 48 14.95 12.66 -2.22
N VAL A 49 14.08 13.62 -2.55
CA VAL A 49 13.61 14.63 -1.55
C VAL A 49 12.08 14.67 -1.55
N PHE A 50 11.46 14.63 -0.37
CA PHE A 50 9.98 14.69 -0.27
C PHE A 50 9.57 16.14 0.05
N LEU A 51 8.74 16.73 -0.80
CA LEU A 51 8.35 18.16 -0.61
C LEU A 51 6.85 18.25 -0.28
N GLU A 52 6.50 18.82 0.87
CA GLU A 52 5.11 19.02 1.22
C GLU A 52 4.44 20.04 0.32
N ARG A 53 3.15 19.83 0.10
CA ARG A 53 2.36 20.75 -0.75
C ARG A 53 1.94 21.96 0.11
N GLY A 54 1.92 23.15 -0.48
CA GLY A 54 1.59 24.37 0.28
C GLY A 54 2.85 25.01 0.83
N VAL A 55 4.01 24.67 0.25
CA VAL A 55 5.31 25.21 0.78
C VAL A 55 5.88 26.20 -0.23
N ASN A 56 5.79 27.50 0.09
CA ASN A 56 6.38 28.55 -0.78
C ASN A 56 7.77 28.87 -0.23
N ILE A 57 8.95 28.68 -0.99
CA ILE A 57 10.35 28.56 -0.45
C ILE A 57 11.36 29.11 -1.45
N SER A 58 12.46 29.42 -1.13
CA SER A 58 13.45 29.91 -2.07
C SER A 58 14.53 28.86 -2.26
N VAL A 59 14.99 28.69 -3.49
CA VAL A 59 15.91 27.63 -3.86
C VAL A 59 17.12 28.22 -4.56
N ARG A 60 18.31 27.80 -4.13
CA ARG A 60 19.56 28.14 -4.80
C ARG A 60 20.19 26.83 -5.26
N MET A 61 20.26 26.64 -6.57
CA MET A 61 20.65 25.37 -7.16
C MET A 61 22.04 25.46 -7.78
N GLN A 62 22.66 24.29 -7.95
CA GLN A 62 24.00 24.19 -8.55
C GLN A 62 23.99 22.97 -9.49
N LYS A 63 23.73 23.24 -10.77
CA LYS A 63 23.77 22.17 -11.76
C LYS A 63 25.19 21.68 -11.98
N GLN A 64 25.32 20.37 -12.23
CA GLN A 64 26.60 19.78 -12.57
C GLN A 64 26.87 19.85 -14.07
N ILE A 65 25.86 19.53 -14.88
CA ILE A 65 25.91 19.66 -16.33
C ILE A 65 24.99 20.80 -16.74
N LEU A 66 25.51 21.72 -17.55
CA LEU A 66 24.72 22.87 -17.96
C LEU A 66 23.64 22.51 -18.97
N SER A 67 23.76 21.38 -19.65
CA SER A 67 22.89 21.06 -20.77
C SER A 67 21.60 20.35 -20.37
N GLU A 68 21.54 19.76 -19.17
CA GLU A 68 20.41 18.95 -18.78
C GLU A 68 19.58 19.63 -17.69
N LYS A 69 18.39 19.08 -17.46
CA LYS A 69 17.55 19.55 -16.37
C LYS A 69 18.25 19.28 -15.04
N PRO A 70 18.03 20.13 -14.04
CA PRO A 70 18.74 19.94 -12.76
C PRO A 70 18.26 18.73 -11.97
N TYR A 71 17.02 18.30 -12.16
CA TYR A 71 16.50 17.19 -11.37
C TYR A 71 15.31 16.56 -12.08
N VAL A 72 14.80 15.47 -11.50
CA VAL A 72 13.60 14.79 -11.96
C VAL A 72 12.57 14.84 -10.83
N ALA A 73 11.39 15.36 -11.14
CA ALA A 73 10.35 15.56 -10.14
C ALA A 73 9.10 14.77 -10.51
N PHE A 74 8.33 14.41 -9.48
CA PHE A 74 7.08 13.69 -9.65
C PHE A 74 6.04 14.30 -8.73
N ARG A 75 4.91 14.70 -9.30
CA ARG A 75 3.84 15.35 -8.54
C ARG A 75 2.73 14.37 -8.23
N LEU A 76 1.97 14.68 -7.18
CA LEU A 76 0.81 13.90 -6.77
C LEU A 76 -0.42 14.79 -6.82
N ASN A 77 -1.43 14.36 -7.58
CA ASN A 77 -2.71 15.06 -7.56
C ASN A 77 -3.31 15.01 -6.16
N GLY A 78 -4.19 15.98 -5.87
CA GLY A 78 -4.94 15.94 -4.63
C GLY A 78 -5.68 14.63 -4.43
N ASP A 79 -6.01 14.08 -5.72
CA ASP A 79 -6.79 12.87 -5.54
C ASP A 79 -5.94 11.75 -4.97
N MET A 80 -4.72 11.68 -5.78
CA MET A 80 -3.69 10.70 -5.46
C MET A 80 -3.15 10.90 -4.05
N LEU A 81 -3.01 12.16 -3.62
CA LEU A 81 -2.51 12.42 -2.28
C LEU A 81 -3.48 11.91 -1.22
N ARG A 82 -4.78 12.15 -1.30
CA ARG A 82 -5.76 11.63 -0.35
C ARG A 82 -5.77 10.11 -0.33
N HIS A 83 -5.86 9.33 -1.53
CA HIS A 83 -5.70 7.89 -1.54
C HIS A 83 -4.35 7.49 -0.95
N LEU A 84 -3.30 8.06 -1.20
CA LEU A 84 -2.10 7.61 -0.53
C LEU A 84 -2.18 7.82 0.98
N LYS A 85 -2.78 8.94 1.41
CA LYS A 85 -2.92 9.18 2.84
C LYS A 85 -3.81 8.12 3.49
N ASP A 86 -4.97 7.86 2.89
CA ASP A 86 -5.86 6.84 3.43
C ASP A 86 -5.20 5.47 3.46
N ALA A 87 -4.47 5.14 2.39
CA ALA A 87 -3.80 3.84 2.34
C ALA A 87 -2.73 3.73 3.42
N LEU A 88 -1.90 4.77 3.58
CA LEU A 88 -0.86 4.74 4.59
C LEU A 88 -1.43 4.75 6.00
N MET A 89 -2.59 5.39 6.21
CA MET A 89 -3.24 5.32 7.50
C MET A 89 -3.74 3.91 7.79
N ILE A 90 -4.30 3.25 6.78
CA ILE A 90 -4.69 1.85 6.92
C ILE A 90 -3.47 1.00 7.27
N ILE A 91 -2.35 1.25 6.60
CA ILE A 91 -1.16 0.42 6.77
C ILE A 91 -0.51 0.68 8.13
N TYR A 92 -0.21 2.00 8.58
CA TYR A 92 0.55 2.36 9.78
C TYR A 92 -0.33 2.62 10.99
N GLY A 93 -1.63 2.77 10.82
CA GLY A 93 -2.52 3.02 11.95
C GLY A 93 -2.61 4.48 12.35
N SER A 104 7.64 23.04 11.63
CA SER A 104 9.07 23.13 11.37
C SER A 104 9.40 22.72 9.94
N MET A 105 10.45 23.32 9.38
CA MET A 105 10.84 22.99 8.02
C MET A 105 11.37 21.57 7.90
N SER A 106 12.04 21.07 8.95
CA SER A 106 12.56 19.71 8.92
C SER A 106 11.45 18.67 8.83
N ARG A 107 10.21 19.12 9.24
CA ARG A 107 9.07 18.22 9.09
C ARG A 107 8.45 18.27 7.70
N LYS A 108 8.66 19.31 6.89
CA LYS A 108 7.99 19.54 5.62
C LYS A 108 8.85 19.19 4.41
N ILE A 109 10.17 19.26 4.53
CA ILE A 109 11.08 18.90 3.45
C ILE A 109 12.06 17.87 4.00
N MET A 110 12.09 16.69 3.38
CA MET A 110 12.87 15.56 3.87
C MET A 110 13.55 14.85 2.71
N THR A 111 14.88 14.80 2.75
CA THR A 111 15.66 14.10 1.75
C THR A 111 16.07 12.73 2.28
N THR A 112 16.46 11.85 1.36
CA THR A 112 16.75 10.46 1.69
C THR A 112 17.86 9.95 0.79
N GLU A 113 18.20 8.72 1.08
CA GLU A 113 19.32 8.10 0.32
C GLU A 113 18.89 7.60 -1.06
N VAL A 114 19.86 7.48 -1.95
CA VAL A 114 19.58 6.94 -3.31
C VAL A 114 18.74 5.68 -3.17
N ASN A 115 17.61 5.62 -3.88
CA ASN A 115 16.84 4.35 -3.89
C ASN A 115 17.78 3.26 -4.41
N LYS A 116 18.63 3.61 -5.39
CA LYS A 116 19.58 2.64 -6.01
C LYS A 116 18.80 1.62 -6.84
N THR A 117 17.46 1.66 -6.78
CA THR A 117 16.61 0.69 -7.51
C THR A 117 15.39 1.36 -8.14
N LEU A 118 15.34 2.69 -8.12
CA LEU A 118 14.13 3.39 -8.63
C LEU A 118 14.08 2.96 -10.09
N LEU A 119 12.90 2.54 -10.56
CA LEU A 119 12.80 2.06 -11.96
C LEU A 119 11.57 2.82 -12.50
N ASP A 120 11.82 3.87 -13.27
CA ASP A 120 10.72 4.70 -13.84
C ASP A 120 10.97 4.49 -15.34
N ASN A 126 6.47 3.90 -14.92
CA ASN A 126 5.16 4.16 -14.32
C ASN A 126 4.63 5.54 -14.73
N SER A 127 4.15 6.31 -13.87
CA SER A 127 3.65 7.68 -13.98
C SER A 127 2.37 7.82 -14.80
N HIS A 128 1.82 6.69 -15.24
CA HIS A 128 0.60 6.72 -16.09
C HIS A 128 -0.44 5.81 -15.46
N ASP A 129 -0.01 4.94 -14.53
CA ASP A 129 -0.96 4.06 -13.81
C ASP A 129 -0.86 4.37 -12.32
N ASN A 130 -1.60 5.38 -11.85
CA ASN A 130 -1.63 5.70 -10.40
C ASN A 130 -1.67 4.39 -9.61
N SER A 131 -2.55 3.47 -9.99
CA SER A 131 -2.67 2.18 -9.30
C SER A 131 -1.28 1.57 -9.06
N ALA A 132 -0.46 1.46 -10.10
CA ALA A 132 0.92 0.95 -9.90
C ALA A 132 1.76 1.99 -9.16
N PHE A 133 1.54 3.26 -9.45
CA PHE A 133 2.35 4.33 -8.82
C PHE A 133 2.10 4.37 -7.31
N ILE A 134 0.83 4.38 -6.87
CA ILE A 134 0.58 4.53 -5.44
C ILE A 134 1.16 3.35 -4.68
N SER A 135 1.11 2.16 -5.28
CA SER A 135 1.71 0.98 -4.64
C SER A 135 3.22 1.18 -4.48
N SER A 136 3.89 1.63 -5.55
CA SER A 136 5.33 1.85 -5.48
C SER A 136 5.68 2.96 -4.50
N LEU A 137 4.84 3.97 -4.37
CA LEU A 137 5.10 5.04 -3.40
C LEU A 137 4.98 4.52 -1.98
N ILE A 138 3.88 3.80 -1.68
CA ILE A 138 3.75 3.12 -0.39
C ILE A 138 4.95 2.23 -0.13
N TYR A 139 5.40 1.50 -1.15
CA TYR A 139 6.52 0.59 -1.03
C TYR A 139 7.80 1.33 -0.68
N LEU A 140 8.09 2.41 -1.41
CA LEU A 140 9.26 3.24 -1.13
C LEU A 140 9.22 3.78 0.30
N ILE A 141 8.07 4.28 0.73
CA ILE A 141 7.95 4.81 2.09
C ILE A 141 8.21 3.70 3.10
N SER A 142 7.61 2.53 2.90
CA SER A 142 7.83 1.40 3.80
C SER A 142 9.29 1.01 3.87
N LYS A 143 10.00 1.09 2.73
CA LYS A 143 11.42 0.75 2.71
C LYS A 143 12.28 1.83 3.34
N LEU A 144 11.89 3.09 3.20
CA LEU A 144 12.63 4.18 3.81
C LEU A 144 12.59 4.07 5.34
N GLU A 145 13.52 4.79 6.01
CA GLU A 145 13.56 4.90 7.45
C GLU A 145 13.01 6.27 7.88
N ASN A 146 12.59 6.34 9.12
CA ASN A 146 12.02 7.56 9.68
C ASN A 146 10.76 7.96 8.92
N ASN A 147 9.89 6.97 8.68
CA ASN A 147 8.69 7.19 7.89
C ASN A 147 7.61 7.99 8.61
N GLU A 148 7.71 8.13 9.93
CA GLU A 148 6.68 8.87 10.66
C GLU A 148 6.55 10.29 10.11
N LYS A 149 7.67 10.96 9.83
CA LYS A 149 7.61 12.32 9.32
C LYS A 149 7.12 12.37 7.89
N ILE A 150 7.42 11.35 7.06
CA ILE A 150 6.90 11.30 5.70
C ILE A 150 5.39 11.17 5.71
N ILE A 151 4.88 10.22 6.51
CA ILE A 151 3.43 10.02 6.62
C ILE A 151 2.77 11.28 7.19
N GLU A 152 3.46 11.95 8.13
CA GLU A 152 2.93 13.18 8.69
C GLU A 152 2.81 14.26 7.62
N SER A 153 3.86 14.46 6.82
CA SER A 153 3.80 15.42 5.73
C SER A 153 2.68 15.09 4.76
N ILE A 154 2.51 13.80 4.44
CA ILE A 154 1.41 13.38 3.58
C ILE A 154 0.06 13.82 4.16
N TYR A 155 -0.19 13.46 5.42
CA TYR A 155 -1.47 13.80 6.04
C TYR A 155 -1.68 15.31 6.09
N ILE A 156 -0.66 16.06 6.49
CA ILE A 156 -0.79 17.52 6.58
C ILE A 156 -1.08 18.13 5.22
N SER A 157 -0.38 17.65 4.18
CA SER A 157 -0.61 18.15 2.83
C SER A 157 -1.95 17.71 2.26
N SER A 158 -2.59 16.71 2.87
CA SER A 158 -3.89 16.25 2.42
C SER A 158 -5.06 16.99 3.07
N VAL A 159 -4.79 18.10 3.76
CA VAL A 159 -5.82 18.85 4.46
C VAL A 159 -6.19 20.09 3.64
N SER A 160 -7.48 20.30 3.43
CA SER A 160 -7.98 21.44 2.67
C SER A 160 -8.13 22.62 3.61
N PHE A 161 -7.05 23.39 3.75
CA PHE A 161 -7.09 24.60 4.55
C PHE A 161 -7.96 25.66 3.85
N PHE A 162 -8.32 26.70 4.62
CA PHE A 162 -9.17 27.74 4.07
C PHE A 162 -8.52 28.44 2.88
N SER A 163 -7.20 28.62 2.93
CA SER A 163 -6.50 29.19 1.79
C SER A 163 -6.65 28.30 0.55
N ASP A 164 -6.70 26.98 0.74
CA ASP A 164 -6.88 26.08 -0.39
C ASP A 164 -8.27 26.24 -1.02
N LYS A 165 -9.29 26.49 -0.20
CA LYS A 165 -10.63 26.69 -0.74
C LYS A 165 -10.74 27.97 -1.54
N VAL A 166 -10.15 29.06 -1.03
CA VAL A 166 -10.10 30.31 -1.79
C VAL A 166 -9.32 30.11 -3.08
N ARG A 167 -8.20 29.40 -3.00
CA ARG A 167 -7.42 29.07 -4.20
C ARG A 167 -8.28 28.34 -5.23
N ASN A 168 -9.01 27.31 -4.79
CA ASN A 168 -9.86 26.55 -5.70
C ASN A 168 -10.93 27.44 -6.33
N LEU A 169 -11.50 28.35 -5.54
CA LEU A 169 -12.47 29.29 -6.07
C LEU A 169 -11.86 30.14 -7.19
N ILE A 170 -10.74 30.81 -6.89
CA ILE A 170 -10.11 31.69 -7.87
C ILE A 170 -9.67 30.92 -9.11
N GLU A 171 -9.23 29.67 -8.92
CA GLU A 171 -8.71 28.85 -10.01
C GLU A 171 -9.68 28.74 -11.18
N LYS A 172 -11.00 28.74 -10.87
CA LYS A 172 -11.99 28.53 -11.92
C LYS A 172 -11.91 29.59 -13.02
N ASP A 173 -11.50 30.85 -12.70
CA ASP A 173 -11.44 31.94 -13.67
C ASP A 173 -10.30 32.88 -13.25
N LEU A 174 -9.07 32.46 -13.58
CA LEU A 174 -7.90 33.28 -13.27
C LEU A 174 -8.00 34.58 -14.06
N SER A 175 -8.65 34.55 -15.23
CA SER A 175 -8.81 35.76 -16.02
C SER A 175 -9.62 36.81 -15.27
N ARG A 176 -10.71 36.39 -14.64
CA ARG A 176 -11.52 37.29 -13.82
C ARG A 176 -10.74 38.01 -12.75
N LYS A 177 -11.07 39.28 -12.53
CA LYS A 177 -10.44 40.08 -11.50
C LYS A 177 -11.27 39.95 -10.22
N TRP A 178 -10.70 39.30 -9.22
CA TRP A 178 -11.41 39.03 -7.97
C TRP A 178 -11.13 40.12 -6.94
N THR A 179 -12.03 40.22 -5.97
CA THR A 179 -11.86 41.10 -4.82
C THR A 179 -12.08 40.28 -3.55
N LEU A 180 -11.78 40.90 -2.41
CA LEU A 180 -12.04 40.25 -1.13
C LEU A 180 -13.53 40.09 -0.88
N GLY A 181 -14.34 41.03 -1.37
CA GLY A 181 -15.77 40.95 -1.17
C GLY A 181 -16.41 39.82 -1.96
N ILE A 182 -15.92 39.57 -3.17
CA ILE A 182 -16.44 38.46 -3.97
C ILE A 182 -16.20 37.13 -3.26
N ILE A 183 -14.97 36.91 -2.81
CA ILE A 183 -14.64 35.69 -2.07
C ILE A 183 -15.47 35.60 -0.79
N ALA A 184 -15.61 36.72 -0.07
CA ALA A 184 -16.37 36.70 1.18
C ALA A 184 -17.83 36.33 0.94
N ASP A 185 -18.45 36.90 -0.10
CA ASP A 185 -19.82 36.54 -0.44
C ASP A 185 -19.92 35.08 -0.86
N ALA A 186 -18.92 34.59 -1.60
CA ALA A 186 -18.91 33.19 -1.99
C ALA A 186 -18.79 32.28 -0.76
N PHE A 187 -17.98 32.68 0.22
CA PHE A 187 -17.80 31.92 1.45
C PHE A 187 -18.79 32.30 2.53
N ASN A 188 -19.75 33.19 2.24
CA ASN A 188 -20.79 33.60 3.18
C ASN A 188 -20.18 34.11 4.49
N ALA A 189 -19.27 35.06 4.37
CA ALA A 189 -18.57 35.59 5.53
C ALA A 189 -18.25 37.06 5.28
N SER A 190 -17.63 37.69 6.27
CA SER A 190 -17.23 39.09 6.19
C SER A 190 -15.80 39.20 5.68
N GLU A 191 -15.44 40.40 5.22
CA GLU A 191 -14.10 40.62 4.69
C GLU A 191 -13.04 40.43 5.76
N ILE A 192 -13.31 40.90 6.99
CA ILE A 192 -12.34 40.77 8.07
C ILE A 192 -12.16 39.32 8.46
N THR A 193 -13.21 38.51 8.36
CA THR A 193 -13.08 37.08 8.64
C THR A 193 -12.13 36.42 7.65
N ILE A 194 -12.34 36.65 6.35
CA ILE A 194 -11.44 36.12 5.33
C ILE A 194 -10.02 36.62 5.58
N ARG A 195 -9.88 37.90 5.92
CA ARG A 195 -8.56 38.45 6.20
C ARG A 195 -7.84 37.68 7.30
N LYS A 196 -8.48 37.56 8.46
CA LYS A 196 -7.82 36.91 9.59
C LYS A 196 -7.59 35.43 9.33
N ARG A 197 -8.50 34.76 8.61
CA ARG A 197 -8.29 33.36 8.26
C ARG A 197 -7.05 33.20 7.40
N LEU A 198 -6.93 34.02 6.35
CA LEU A 198 -5.77 33.91 5.47
C LEU A 198 -4.48 34.34 6.16
N GLU A 199 -4.56 35.31 7.08
CA GLU A 199 -3.36 35.73 7.81
C GLU A 199 -2.94 34.67 8.81
N SER A 200 -3.89 33.90 9.34
CA SER A 200 -3.53 32.75 10.17
C SER A 200 -2.95 31.62 9.31
N GLU A 201 -3.38 31.54 8.05
CA GLU A 201 -2.74 30.65 7.09
C GLU A 201 -1.46 31.23 6.51
N ASN A 202 -0.99 32.38 7.02
CA ASN A 202 0.23 33.03 6.57
C ASN A 202 0.17 33.36 5.07
N THR A 203 -0.91 34.02 4.68
CA THR A 203 -1.11 34.42 3.29
C THR A 203 -2.16 35.52 3.24
N ASN A 204 -2.51 35.92 2.02
CA ASN A 204 -3.57 36.89 1.80
C ASN A 204 -4.14 36.68 0.40
N PHE A 205 -5.27 37.31 0.14
CA PHE A 205 -5.98 37.10 -1.13
C PHE A 205 -5.12 37.49 -2.32
N ASN A 206 -4.52 38.68 -2.28
CA ASN A 206 -3.69 39.14 -3.38
C ASN A 206 -2.51 38.19 -3.60
N GLN A 207 -1.85 37.78 -2.52
CA GLN A 207 -0.72 36.86 -2.63
C GLN A 207 -1.17 35.50 -3.15
N ILE A 208 -2.28 34.97 -2.61
CA ILE A 208 -2.87 33.75 -3.14
C ILE A 208 -3.02 33.82 -4.65
N LEU A 209 -3.63 34.90 -5.14
CA LEU A 209 -3.85 35.07 -6.56
C LEU A 209 -2.52 35.09 -7.32
N MET A 210 -1.57 35.87 -6.81
CA MET A 210 -0.28 35.98 -7.47
C MET A 210 0.44 34.64 -7.53
N GLN A 211 0.44 33.92 -6.41
CA GLN A 211 1.06 32.59 -6.34
C GLN A 211 0.46 31.66 -7.37
N LEU A 212 -0.87 31.61 -7.44
CA LEU A 212 -1.54 30.75 -8.43
C LEU A 212 -1.11 31.12 -9.84
N ARG A 213 -1.22 32.41 -10.19
CA ARG A 213 -0.91 32.86 -11.55
C ARG A 213 0.54 32.57 -11.92
N MET A 214 1.47 32.86 -11.00
CA MET A 214 2.88 32.68 -11.30
C MET A 214 3.29 31.22 -11.35
N SER A 215 2.63 30.36 -10.56
CA SER A 215 2.91 28.93 -10.65
C SER A 215 2.42 28.38 -11.98
N LYS A 216 1.20 28.75 -12.38
CA LYS A 216 0.71 28.37 -13.71
C LYS A 216 1.65 28.90 -14.79
N ALA A 217 2.19 30.10 -14.59
CA ALA A 217 3.08 30.70 -15.58
C ALA A 217 4.38 29.93 -15.72
N ALA A 218 5.03 29.62 -14.59
CA ALA A 218 6.24 28.79 -14.62
C ALA A 218 5.98 27.44 -15.28
N LEU A 219 4.89 26.77 -14.88
CA LEU A 219 4.56 25.49 -15.49
C LEU A 219 4.39 25.61 -17.00
N LEU A 220 3.66 26.63 -17.44
CA LEU A 220 3.42 26.84 -18.86
C LEU A 220 4.71 27.15 -19.60
N LEU A 221 5.62 27.89 -18.95
CA LEU A 221 6.92 28.16 -19.55
C LEU A 221 7.68 26.87 -19.81
N LEU A 222 7.72 25.98 -18.81
CA LEU A 222 8.32 24.67 -19.00
C LEU A 222 7.41 23.71 -19.78
N GLU A 223 6.32 24.22 -20.37
CA GLU A 223 5.36 23.41 -21.10
C GLU A 223 5.27 23.87 -22.55
N ASN A 224 4.75 22.91 -23.38
CA ASN A 224 4.52 23.21 -24.79
C ASN A 224 3.07 23.61 -25.08
N TYR A 226 1.90 26.87 -24.10
CA TYR A 226 1.88 28.32 -24.26
C TYR A 226 3.34 28.73 -24.34
N GLN A 227 3.55 30.00 -24.69
CA GLN A 227 4.82 30.69 -24.61
C GLN A 227 4.51 32.08 -24.08
N ILE A 228 5.55 32.86 -23.76
CA ILE A 228 5.35 34.18 -23.15
C ILE A 228 4.32 35.05 -23.85
N SER A 229 4.20 34.93 -25.18
CA SER A 229 3.23 35.73 -25.93
C SER A 229 1.79 35.53 -25.45
N GLN A 230 1.48 34.37 -24.89
CA GLN A 230 0.12 34.07 -24.43
C GLN A 230 -0.01 33.57 -22.99
N ILE A 231 1.11 33.32 -22.30
CA ILE A 231 1.03 32.90 -20.91
C ILE A 231 0.43 34.01 -20.04
N SER A 232 0.79 35.26 -20.32
CA SER A 232 0.21 36.38 -19.59
C SER A 232 -1.31 36.37 -19.68
N ASN A 233 -1.85 36.15 -20.89
CA ASN A 233 -3.30 36.11 -21.05
C ASN A 233 -3.91 34.88 -20.38
N MET A 234 -3.26 33.72 -20.53
CA MET A 234 -3.77 32.52 -19.89
C MET A 234 -3.86 32.67 -18.37
N ILE A 235 -2.86 33.32 -17.77
CA ILE A 235 -2.88 33.52 -16.32
C ILE A 235 -3.71 34.72 -15.91
N GLY A 236 -4.12 35.56 -16.86
CA GLY A 236 -5.00 36.68 -16.59
C GLY A 236 -4.40 38.06 -16.81
N ILE A 237 -3.09 38.19 -17.01
CA ILE A 237 -2.47 39.48 -17.21
C ILE A 237 -2.62 39.90 -18.67
N SER A 238 -3.03 41.14 -18.90
CA SER A 238 -3.30 41.60 -20.26
C SER A 238 -2.00 41.92 -21.01
N SER A 239 -1.07 42.64 -20.36
CA SER A 239 0.16 43.07 -20.99
C SER A 239 1.30 42.14 -20.59
N ALA A 240 2.03 41.64 -21.60
CA ALA A 240 3.09 40.67 -21.34
C ALA A 240 4.34 41.30 -20.74
N SER A 241 4.57 42.60 -20.97
CA SER A 241 5.69 43.27 -20.31
C SER A 241 5.46 43.35 -18.80
N TYR A 242 4.25 43.70 -18.38
CA TYR A 242 3.91 43.67 -16.97
C TYR A 242 4.08 42.27 -16.41
N PHE A 243 3.72 41.24 -17.20
CA PHE A 243 3.91 39.87 -16.74
C PHE A 243 5.38 39.53 -16.58
N ILE A 244 6.23 40.02 -17.49
CA ILE A 244 7.66 39.78 -17.37
C ILE A 244 8.19 40.41 -16.08
N ARG A 245 7.80 41.65 -15.82
CA ARG A 245 8.24 42.33 -14.61
C ARG A 245 7.71 41.63 -13.35
N ILE A 246 6.47 41.14 -13.40
CA ILE A 246 5.88 40.50 -12.22
C ILE A 246 6.54 39.15 -11.97
N PHE A 247 6.87 38.41 -13.03
CA PHE A 247 7.59 37.15 -12.87
C PHE A 247 8.97 37.39 -12.30
N ASN A 248 9.69 38.38 -12.85
CA ASN A 248 11.01 38.72 -12.35
C ASN A 248 10.98 39.25 -10.93
N LYS A 249 9.82 39.76 -10.48
CA LYS A 249 9.67 40.17 -9.09
C LYS A 249 9.38 38.98 -8.19
N HIS A 250 8.40 38.15 -8.57
CA HIS A 250 8.00 37.01 -7.75
C HIS A 250 9.16 36.02 -7.57
N TYR A 251 9.68 35.51 -8.68
CA TYR A 251 10.73 34.50 -8.60
C TYR A 251 12.12 35.09 -8.51
N GLY A 252 12.30 36.38 -8.83
CA GLY A 252 13.61 36.97 -8.86
C GLY A 252 14.43 36.66 -10.09
N VAL A 253 14.01 35.69 -10.90
CA VAL A 253 14.67 35.35 -12.14
C VAL A 253 13.79 35.79 -13.31
N THR A 254 14.43 36.34 -14.34
CA THR A 254 13.69 36.65 -15.56
C THR A 254 13.12 35.35 -16.15
N PRO A 255 11.94 35.43 -16.79
CA PRO A 255 11.35 34.22 -17.36
C PRO A 255 12.27 33.45 -18.29
N LYS A 256 13.19 34.15 -18.97
CA LYS A 256 14.12 33.46 -19.85
C LYS A 256 15.15 32.66 -19.05
N GLN A 257 15.66 33.23 -17.96
CA GLN A 257 16.59 32.49 -17.11
C GLN A 257 15.92 31.26 -16.52
N PHE A 258 14.67 31.40 -16.06
CA PHE A 258 13.91 30.25 -15.58
C PHE A 258 13.79 29.17 -16.66
N PHE A 259 13.54 29.58 -17.90
CA PHE A 259 13.40 28.62 -18.98
C PHE A 259 14.71 27.94 -19.32
N THR A 260 15.82 28.68 -19.30
CA THR A 260 17.11 28.12 -19.72
C THR A 260 17.72 27.21 -18.67
N TYR A 261 17.42 27.44 -17.39
CA TYR A 261 17.99 26.60 -16.34
C TYR A 261 17.34 25.23 -16.30
N PHE A 262 16.08 25.13 -16.71
CA PHE A 262 15.36 23.86 -16.72
C PHE A 262 15.33 23.23 -18.11
N LYS A 263 16.02 23.80 -19.07
CA LYS A 263 16.11 23.26 -20.41
C LYS A 263 17.47 22.60 -20.64
N ALA B 8 8.59 -42.46 -3.72
CA ALA B 8 9.28 -42.74 -2.46
C ALA B 8 8.98 -41.65 -1.43
N LYS B 9 9.93 -41.31 -0.58
CA LYS B 9 9.77 -40.27 0.42
C LYS B 9 9.86 -38.87 -0.17
N GLU B 10 10.11 -38.76 -1.51
CA GLU B 10 10.01 -37.45 -2.16
C GLU B 10 8.57 -37.07 -2.46
N THR B 11 7.65 -38.03 -2.45
CA THR B 11 6.26 -37.82 -2.82
C THR B 11 5.36 -38.09 -1.63
N ILE B 12 4.33 -37.25 -1.48
CA ILE B 12 3.35 -37.42 -0.42
C ILE B 12 1.99 -36.99 -0.95
N LYS B 13 0.93 -37.56 -0.39
CA LYS B 13 -0.44 -37.30 -0.82
C LYS B 13 -1.31 -37.19 0.42
N PHE B 14 -1.53 -35.95 0.88
CA PHE B 14 -2.38 -35.70 2.04
C PHE B 14 -3.63 -34.94 1.60
N ASN B 15 -4.75 -35.29 2.20
CA ASN B 15 -6.05 -34.70 1.86
C ASN B 15 -6.49 -33.71 2.92
N ASN B 16 -7.53 -32.94 2.59
CA ASN B 16 -8.18 -32.02 3.51
C ASN B 16 -7.19 -31.01 4.09
N PHE B 17 -6.51 -30.31 3.18
CA PHE B 17 -5.55 -29.29 3.57
C PHE B 17 -6.29 -27.96 3.61
N MET B 18 -6.53 -27.46 4.82
CA MET B 18 -7.35 -26.28 5.02
C MET B 18 -6.45 -25.05 5.08
N ILE B 19 -6.70 -24.10 4.17
CA ILE B 19 -5.94 -22.84 4.17
C ILE B 19 -6.69 -21.89 5.08
N HIS B 20 -6.44 -22.04 6.39
CA HIS B 20 -7.16 -21.27 7.39
C HIS B 20 -6.78 -19.79 7.37
N LYS B 21 -5.66 -19.43 6.78
CA LYS B 21 -5.24 -18.04 6.63
C LYS B 21 -4.72 -17.86 5.21
N TYR B 22 -4.97 -16.70 4.62
CA TYR B 22 -4.51 -16.44 3.26
C TYR B 22 -3.00 -16.59 3.19
N THR B 23 -2.54 -17.51 2.35
CA THR B 23 -1.15 -17.96 2.36
C THR B 23 -0.54 -17.76 0.99
N VAL B 24 0.57 -17.03 0.94
CA VAL B 24 1.42 -16.99 -0.23
C VAL B 24 2.48 -18.07 -0.09
N LEU B 25 2.69 -18.83 -1.16
CA LEU B 25 3.44 -20.09 -1.06
C LEU B 25 4.44 -20.18 -2.21
N TYR B 26 5.73 -20.23 -1.87
CA TYR B 26 6.76 -20.51 -2.85
C TYR B 26 6.83 -22.01 -3.10
N THR B 27 7.66 -22.40 -4.08
CA THR B 27 7.92 -23.81 -4.39
C THR B 27 9.42 -24.02 -4.50
N SER B 28 10.13 -23.85 -3.36
CA SER B 28 11.58 -23.96 -3.37
C SER B 28 12.03 -25.40 -3.66
N ASN B 29 11.34 -26.38 -3.10
CA ASN B 29 11.81 -27.77 -3.15
C ASN B 29 10.63 -28.72 -3.36
N CYS B 30 9.73 -28.39 -4.28
CA CYS B 30 8.59 -29.26 -4.52
C CYS B 30 7.90 -28.88 -5.81
N ILE B 31 7.23 -29.87 -6.41
CA ILE B 31 6.25 -29.67 -7.47
C ILE B 31 4.98 -30.35 -7.01
N MET B 32 3.94 -29.56 -6.73
CA MET B 32 2.73 -30.07 -6.10
C MET B 32 1.55 -29.95 -7.04
N ASP B 33 0.57 -30.84 -6.86
CA ASP B 33 -0.67 -30.83 -7.60
C ASP B 33 -1.82 -30.64 -6.61
N ILE B 34 -2.50 -29.51 -6.70
CA ILE B 34 -3.62 -29.21 -5.80
C ILE B 34 -4.91 -29.72 -6.43
N TYR B 35 -5.68 -30.47 -5.66
CA TYR B 35 -6.88 -31.14 -6.16
C TYR B 35 -8.12 -30.55 -5.50
N SER B 36 -9.12 -30.24 -6.32
CA SER B 36 -10.43 -29.83 -5.84
C SER B 36 -11.40 -30.99 -5.99
N GLU B 37 -12.66 -30.77 -5.58
CA GLU B 37 -13.68 -31.78 -5.79
C GLU B 37 -13.95 -32.02 -7.27
N GLU B 38 -13.64 -31.06 -8.13
CA GLU B 38 -13.80 -31.22 -9.57
C GLU B 38 -12.67 -30.65 -10.40
N GLU B 39 -11.72 -29.90 -9.83
CA GLU B 39 -10.67 -29.24 -10.58
C GLU B 39 -9.29 -29.68 -10.08
N LYS B 40 -8.26 -29.23 -10.79
CA LYS B 40 -6.88 -29.58 -10.49
C LYS B 40 -5.98 -28.44 -10.92
N ILE B 41 -4.98 -28.14 -10.09
CA ILE B 41 -4.01 -27.08 -10.38
C ILE B 41 -2.62 -27.59 -10.02
N THR B 42 -1.73 -27.66 -11.01
CA THR B 42 -0.37 -28.14 -10.81
C THR B 42 0.55 -26.94 -10.62
N CYS B 43 1.09 -26.81 -9.40
CA CYS B 43 2.05 -25.76 -9.09
C CYS B 43 3.46 -26.25 -9.42
N PHE B 44 4.21 -25.45 -10.17
CA PHE B 44 5.54 -25.84 -10.60
C PHE B 44 6.60 -25.33 -9.64
N SER B 45 7.83 -25.79 -9.84
CA SER B 45 8.92 -25.46 -8.94
C SER B 45 9.38 -24.01 -9.13
N ASN B 46 9.89 -23.43 -8.04
CA ASN B 46 10.38 -22.06 -8.03
C ASN B 46 9.32 -21.07 -8.52
N ARG B 47 8.11 -21.23 -8.00
CA ARG B 47 6.99 -20.36 -8.31
C ARG B 47 6.39 -19.85 -7.01
N LEU B 48 5.56 -18.81 -7.12
CA LEU B 48 4.81 -18.28 -5.99
C LEU B 48 3.33 -18.58 -6.17
N VAL B 49 2.67 -19.03 -5.11
CA VAL B 49 1.30 -19.51 -5.18
C VAL B 49 0.45 -18.70 -4.22
N PHE B 50 -0.77 -18.37 -4.66
CA PHE B 50 -1.69 -17.55 -3.83
C PHE B 50 -2.90 -18.38 -3.44
N LEU B 51 -3.16 -18.51 -2.13
CA LEU B 51 -4.26 -19.39 -1.65
C LEU B 51 -5.26 -18.64 -0.77
N GLU B 52 -6.56 -18.89 -0.95
CA GLU B 52 -7.67 -18.24 -0.21
C GLU B 52 -7.89 -18.89 1.14
N ARG B 53 -8.47 -18.13 2.06
CA ARG B 53 -8.74 -18.64 3.43
C ARG B 53 -10.11 -19.33 3.40
N GLY B 54 -10.20 -20.54 3.95
CA GLY B 54 -11.47 -21.29 3.89
C GLY B 54 -11.44 -22.29 2.75
N VAL B 55 -10.24 -22.81 2.43
CA VAL B 55 -10.10 -23.74 1.27
C VAL B 55 -9.56 -25.09 1.77
N ASN B 56 -10.42 -26.12 1.80
CA ASN B 56 -9.98 -27.48 2.20
C ASN B 56 -9.67 -28.25 0.91
N ILE B 57 -8.40 -28.58 0.65
CA ILE B 57 -8.00 -29.24 -0.64
C ILE B 57 -7.07 -30.44 -0.39
N SER B 58 -6.70 -31.16 -1.46
CA SER B 58 -5.74 -32.31 -1.43
C SER B 58 -4.47 -31.97 -2.20
N VAL B 59 -3.31 -32.53 -1.82
CA VAL B 59 -2.04 -32.15 -2.43
C VAL B 59 -1.19 -33.39 -2.62
N ARG B 60 -0.80 -33.35 -3.68
CA ARG B 60 0.18 -34.40 -3.98
C ARG B 60 1.48 -33.70 -4.39
N MET B 61 2.50 -33.83 -3.55
CA MET B 61 3.74 -33.08 -3.70
C MET B 61 4.87 -33.98 -4.18
N GLN B 62 5.90 -33.35 -4.75
CA GLN B 62 7.08 -34.04 -5.25
C GLN B 62 8.31 -33.22 -4.85
N LYS B 63 8.91 -33.56 -3.72
CA LYS B 63 10.12 -32.89 -3.29
C LYS B 63 11.30 -33.23 -4.21
N GLN B 64 12.16 -32.24 -4.42
CA GLN B 64 13.39 -32.45 -5.19
C GLN B 64 14.52 -32.94 -4.29
N ILE B 65 14.68 -32.34 -3.12
CA ILE B 65 15.64 -32.77 -2.10
C ILE B 65 14.85 -33.35 -0.94
N LEU B 66 15.23 -34.55 -0.50
CA LEU B 66 14.52 -35.21 0.59
C LEU B 66 14.79 -34.59 1.94
N SER B 67 15.89 -33.83 2.07
CA SER B 67 16.34 -33.36 3.37
C SER B 67 15.71 -32.04 3.80
N GLU B 68 15.14 -31.28 2.87
CA GLU B 68 14.66 -29.93 3.17
C GLU B 68 13.14 -29.89 3.12
N LYS B 69 12.59 -28.78 3.64
CA LYS B 69 11.16 -28.54 3.54
C LYS B 69 10.76 -28.37 2.07
N PRO B 70 9.56 -28.78 1.70
CA PRO B 70 9.16 -28.70 0.29
C PRO B 70 8.97 -27.28 -0.21
N TYR B 71 8.63 -26.34 0.66
CA TYR B 71 8.34 -24.98 0.20
C TYR B 71 8.48 -24.00 1.37
N VAL B 72 8.33 -22.72 1.05
CA VAL B 72 8.34 -21.65 2.02
C VAL B 72 6.99 -20.95 1.94
N ALA B 73 6.29 -20.85 3.07
CA ALA B 73 4.95 -20.30 3.11
C ALA B 73 4.90 -19.09 4.03
N PHE B 74 3.96 -18.19 3.74
CA PHE B 74 3.75 -16.99 4.54
C PHE B 74 2.25 -16.79 4.73
N ARG B 75 1.83 -16.68 5.99
CA ARG B 75 0.42 -16.54 6.32
C ARG B 75 0.08 -15.09 6.64
N LEU B 76 -1.21 -14.76 6.47
CA LEU B 76 -1.74 -13.44 6.79
C LEU B 76 -2.81 -13.60 7.86
N ASN B 77 -2.63 -12.89 8.98
CA ASN B 77 -3.68 -12.83 9.99
C ASN B 77 -4.94 -12.21 9.41
N GLY B 78 -6.08 -12.54 10.01
CA GLY B 78 -7.32 -11.88 9.63
C GLY B 78 -7.22 -10.37 9.70
N ASP B 79 -6.52 -9.85 10.72
CA ASP B 79 -6.26 -8.43 10.81
C ASP B 79 -5.45 -7.94 9.62
N MET B 80 -4.34 -8.63 9.32
CA MET B 80 -3.51 -8.26 8.19
C MET B 80 -4.27 -8.40 6.87
N LEU B 81 -5.09 -9.45 6.75
CA LEU B 81 -5.86 -9.64 5.52
C LEU B 81 -6.87 -8.52 5.33
N ARG B 82 -7.58 -8.07 6.37
CA ARG B 82 -8.53 -6.98 6.26
C ARG B 82 -7.83 -5.66 5.94
N HIS B 83 -6.62 -5.45 6.74
CA HIS B 83 -5.94 -4.28 6.21
C HIS B 83 -5.53 -4.49 4.76
N LEU B 84 -4.95 -5.35 4.34
CA LEU B 84 -4.52 -5.42 2.95
C LEU B 84 -5.69 -5.26 2.00
N LYS B 85 -6.86 -5.80 2.35
CA LYS B 85 -8.03 -5.65 1.50
C LYS B 85 -8.43 -4.18 1.40
N ASP B 86 -8.53 -3.51 2.55
CA ASP B 86 -8.90 -2.09 2.53
C ASP B 86 -7.89 -1.27 1.76
N ALA B 87 -6.60 -1.57 1.93
CA ALA B 87 -5.56 -0.81 1.22
C ALA B 87 -5.65 -1.03 -0.28
N LEU B 88 -5.81 -2.28 -0.71
CA LEU B 88 -5.91 -2.58 -2.14
C LEU B 88 -7.19 -2.00 -2.75
N MET B 89 -8.27 -1.92 -1.96
CA MET B 89 -9.48 -1.27 -2.44
C MET B 89 -9.24 0.23 -2.62
N ILE B 90 -8.53 0.86 -1.69
CA ILE B 90 -8.14 2.25 -1.86
C ILE B 90 -7.32 2.43 -3.14
N ILE B 91 -6.37 1.54 -3.37
CA ILE B 91 -5.46 1.65 -4.50
C ILE B 91 -6.19 1.33 -5.81
N SER B 104 -15.02 -20.79 -8.65
CA SER B 104 -14.11 -21.64 -9.42
C SER B 104 -12.75 -21.75 -8.72
N MET B 105 -12.10 -22.90 -8.90
CA MET B 105 -10.79 -23.10 -8.27
C MET B 105 -9.74 -22.18 -8.88
N SER B 106 -9.84 -21.88 -10.17
CA SER B 106 -8.88 -20.99 -10.80
C SER B 106 -8.93 -19.58 -10.23
N ARG B 107 -10.04 -19.23 -9.54
CA ARG B 107 -10.19 -17.93 -8.90
C ARG B 107 -9.93 -17.97 -7.41
N LYS B 108 -9.34 -19.07 -6.90
CA LYS B 108 -9.03 -19.19 -5.48
C LYS B 108 -7.57 -19.58 -5.26
N ILE B 109 -6.97 -20.28 -6.22
CA ILE B 109 -5.56 -20.67 -6.17
C ILE B 109 -4.90 -20.19 -7.45
N MET B 110 -3.89 -19.34 -7.32
CA MET B 110 -3.26 -18.69 -8.47
C MET B 110 -1.75 -18.68 -8.25
N THR B 111 -1.02 -19.35 -9.14
CA THR B 111 0.44 -19.36 -9.10
C THR B 111 1.01 -18.40 -10.14
N THR B 112 2.26 -18.00 -9.93
CA THR B 112 2.88 -17.03 -10.82
C THR B 112 4.39 -17.23 -10.85
N GLU B 113 5.05 -16.42 -11.65
CA GLU B 113 6.53 -16.49 -11.74
C GLU B 113 7.12 -15.23 -11.11
N VAL B 114 8.28 -15.33 -10.53
CA VAL B 114 8.94 -14.16 -9.88
C VAL B 114 10.42 -14.21 -10.26
N ASN B 115 11.06 -13.02 -10.29
CA ASN B 115 12.49 -12.85 -10.59
C ASN B 115 13.23 -12.19 -9.40
N LYS B 116 12.57 -11.19 -8.82
CA LYS B 116 13.15 -10.47 -7.66
C LYS B 116 12.37 -10.59 -6.34
N THR B 117 12.46 -11.76 -5.72
CA THR B 117 11.89 -11.93 -4.37
C THR B 117 13.04 -11.57 -3.43
N LEU B 118 14.20 -11.28 -4.01
CA LEU B 118 15.34 -10.81 -3.17
C LEU B 118 14.80 -9.60 -2.43
N LEU B 119 14.20 -8.65 -3.16
CA LEU B 119 13.56 -7.51 -2.45
C LEU B 119 12.62 -8.13 -1.42
N ASP B 120 11.78 -9.10 -1.80
CA ASP B 120 10.77 -9.64 -0.86
C ASP B 120 11.47 -10.29 0.34
N GLU B 121 12.75 -10.62 0.23
CA GLU B 121 13.39 -11.35 1.36
C GLU B 121 12.44 -12.45 1.84
N ILE B 125 10.05 -9.43 3.62
CA ILE B 125 11.02 -8.63 4.34
C ILE B 125 11.15 -9.17 5.76
N ASN B 126 10.92 -8.33 6.77
CA ASN B 126 11.11 -8.77 8.15
C ASN B 126 10.01 -9.71 8.61
N SER B 127 8.85 -9.63 8.04
CA SER B 127 7.72 -10.52 8.32
C SER B 127 7.28 -10.47 9.77
N HIS B 128 7.70 -9.45 10.52
CA HIS B 128 7.34 -9.29 11.92
C HIS B 128 6.75 -7.92 12.18
N ASP B 129 5.88 -7.47 11.27
CA ASP B 129 5.25 -6.16 11.34
C ASP B 129 4.12 -6.14 10.32
N ASN B 130 3.13 -5.27 10.56
CA ASN B 130 2.06 -5.05 9.60
C ASN B 130 2.27 -3.80 8.76
N SER B 131 2.85 -2.76 9.35
CA SER B 131 3.10 -1.51 8.63
C SER B 131 4.07 -1.71 7.47
N ALA B 132 4.82 -2.81 7.42
CA ALA B 132 5.78 -3.06 6.35
C ALA B 132 5.44 -4.27 5.47
N PHE B 133 5.00 -5.38 6.06
CA PHE B 133 4.71 -6.57 5.29
C PHE B 133 3.61 -6.32 4.25
N ILE B 134 2.44 -5.85 4.70
CA ILE B 134 1.34 -5.63 3.77
C ILE B 134 1.73 -4.62 2.69
N SER B 135 2.57 -3.64 3.03
CA SER B 135 3.05 -2.70 2.02
C SER B 135 3.85 -3.41 0.94
N SER B 136 4.81 -4.25 1.35
CA SER B 136 5.61 -4.99 0.38
C SER B 136 4.74 -5.96 -0.42
N LEU B 137 3.70 -6.52 0.22
CA LEU B 137 2.79 -7.42 -0.47
C LEU B 137 1.98 -6.68 -1.53
N ILE B 138 1.44 -5.50 -1.16
CA ILE B 138 0.81 -4.61 -2.12
C ILE B 138 1.74 -4.34 -3.29
N TYR B 139 3.02 -4.11 -3.01
CA TYR B 139 4.00 -3.87 -4.05
C TYR B 139 4.11 -5.06 -4.99
N LEU B 140 4.25 -6.26 -4.42
CA LEU B 140 4.31 -7.48 -5.23
C LEU B 140 3.06 -7.63 -6.10
N ILE B 141 1.89 -7.39 -5.52
CA ILE B 141 0.64 -7.52 -6.27
C ILE B 141 0.59 -6.52 -7.42
N SER B 142 0.97 -5.27 -7.15
CA SER B 142 1.03 -4.25 -8.20
C SER B 142 1.97 -4.66 -9.32
N LYS B 143 3.09 -5.31 -8.98
CA LYS B 143 4.02 -5.72 -10.02
C LYS B 143 3.52 -6.95 -10.76
N LEU B 144 2.84 -7.85 -10.05
CA LEU B 144 2.27 -9.03 -10.70
C LEU B 144 1.16 -8.63 -11.67
N GLU B 145 1.21 -9.12 -12.91
CA GLU B 145 0.14 -8.92 -13.88
C GLU B 145 -1.00 -9.89 -13.59
N ASN B 146 -2.13 -9.58 -14.13
CA ASN B 146 -3.37 -10.31 -13.85
C ASN B 146 -3.71 -10.28 -12.36
N ASN B 147 -3.58 -9.08 -11.78
CA ASN B 147 -3.83 -8.88 -10.35
C ASN B 147 -5.30 -8.90 -9.99
N GLU B 148 -6.20 -8.81 -10.98
CA GLU B 148 -7.63 -8.76 -10.72
C GLU B 148 -8.10 -9.93 -9.87
N LYS B 149 -7.79 -11.16 -10.27
CA LYS B 149 -8.25 -12.33 -9.52
C LYS B 149 -7.57 -12.43 -8.16
N ILE B 150 -6.32 -11.90 -8.05
CA ILE B 150 -5.63 -11.88 -6.76
C ILE B 150 -6.38 -10.99 -5.77
N ILE B 151 -6.71 -9.76 -6.20
CA ILE B 151 -7.48 -8.85 -5.34
C ILE B 151 -8.85 -9.44 -5.04
N GLU B 152 -9.48 -10.12 -6.03
CA GLU B 152 -10.72 -10.85 -5.80
C GLU B 152 -10.58 -11.81 -4.63
N SER B 153 -9.58 -12.72 -4.73
CA SER B 153 -9.34 -13.70 -3.67
C SER B 153 -9.14 -13.02 -2.32
N ILE B 154 -8.39 -11.91 -2.30
CA ILE B 154 -8.20 -11.16 -1.07
C ILE B 154 -9.55 -10.76 -0.47
N TYR B 155 -10.38 -10.08 -1.27
CA TYR B 155 -11.67 -9.61 -0.76
C TYR B 155 -12.54 -10.78 -0.29
N ILE B 156 -12.60 -11.84 -1.09
CA ILE B 156 -13.43 -13.00 -0.74
C ILE B 156 -12.97 -13.62 0.57
N SER B 157 -11.66 -13.78 0.73
CA SER B 157 -11.10 -14.36 1.96
C SER B 157 -11.23 -13.43 3.14
N SER B 158 -11.52 -12.15 2.92
CA SER B 158 -11.69 -11.20 4.01
C SER B 158 -13.13 -11.12 4.51
N VAL B 159 -14.00 -12.04 4.12
CA VAL B 159 -15.41 -12.02 4.50
C VAL B 159 -15.64 -13.05 5.60
N SER B 160 -16.31 -12.62 6.67
CA SER B 160 -16.62 -13.49 7.80
C SER B 160 -17.92 -14.22 7.52
N PHE B 161 -17.81 -15.38 6.87
CA PHE B 161 -18.98 -16.20 6.64
C PHE B 161 -19.47 -16.81 7.95
N PHE B 162 -20.70 -17.34 7.92
CA PHE B 162 -21.30 -17.92 9.11
C PHE B 162 -20.46 -19.08 9.64
N SER B 163 -19.88 -19.87 8.74
CA SER B 163 -18.97 -20.93 9.17
C SER B 163 -17.76 -20.36 9.90
N ASP B 164 -17.29 -19.18 9.50
CA ASP B 164 -16.18 -18.56 10.20
C ASP B 164 -16.60 -18.11 11.59
N LYS B 165 -17.84 -17.66 11.76
CA LYS B 165 -18.32 -17.27 13.07
C LYS B 165 -18.43 -18.48 13.99
N VAL B 166 -18.96 -19.59 13.47
CA VAL B 166 -19.03 -20.82 14.25
C VAL B 166 -17.62 -21.31 14.61
N ARG B 167 -16.69 -21.26 13.66
CA ARG B 167 -15.31 -21.62 13.93
C ARG B 167 -14.73 -20.79 15.06
N ASN B 168 -14.89 -19.46 14.97
CA ASN B 168 -14.36 -18.58 16.00
C ASN B 168 -14.97 -18.89 17.36
N LEU B 169 -16.28 -19.18 17.39
CA LEU B 169 -16.89 -19.62 18.64
C LEU B 169 -16.21 -20.87 19.18
N ILE B 170 -16.11 -21.91 18.36
CA ILE B 170 -15.52 -23.17 18.80
C ILE B 170 -14.04 -22.99 19.15
N GLU B 171 -13.32 -22.13 18.41
CA GLU B 171 -11.89 -21.94 18.65
C GLU B 171 -11.58 -21.57 20.10
N LYS B 172 -12.56 -20.89 20.80
CA LYS B 172 -12.33 -20.49 22.19
C LYS B 172 -11.97 -21.68 23.06
N ASP B 173 -12.80 -22.76 23.06
CA ASP B 173 -12.63 -23.94 23.91
C ASP B 173 -12.69 -25.19 23.04
N LEU B 174 -11.57 -25.49 22.39
CA LEU B 174 -11.50 -26.70 21.57
C LEU B 174 -11.67 -27.95 22.43
N SER B 175 -11.24 -27.89 23.69
CA SER B 175 -11.39 -29.02 24.59
C SER B 175 -12.86 -29.29 24.91
N ARG B 176 -13.64 -28.23 25.08
CA ARG B 176 -15.06 -28.36 25.36
C ARG B 176 -15.73 -29.18 24.26
N LYS B 177 -16.68 -30.02 24.65
CA LYS B 177 -17.46 -30.82 23.70
C LYS B 177 -18.71 -30.03 23.33
N TRP B 178 -18.77 -29.58 22.09
CA TRP B 178 -19.86 -28.76 21.62
C TRP B 178 -20.95 -29.61 20.96
N THR B 179 -22.15 -29.05 20.89
CA THR B 179 -23.26 -29.64 20.17
C THR B 179 -23.84 -28.59 19.24
N LEU B 180 -24.76 -29.03 18.38
CA LEU B 180 -25.45 -28.09 17.50
C LEU B 180 -26.36 -27.17 18.30
N GLY B 181 -26.92 -27.66 19.41
CA GLY B 181 -27.80 -26.83 20.21
C GLY B 181 -27.06 -25.72 20.94
N ILE B 182 -25.84 -26.00 21.40
CA ILE B 182 -25.03 -24.97 22.06
C ILE B 182 -24.74 -23.83 21.10
N ILE B 183 -24.26 -24.17 19.89
CA ILE B 183 -24.00 -23.15 18.89
C ILE B 183 -25.27 -22.40 18.52
N ALA B 184 -26.39 -23.12 18.37
CA ALA B 184 -27.65 -22.48 18.01
C ALA B 184 -28.10 -21.48 19.07
N ASP B 185 -27.99 -21.86 20.35
CA ASP B 185 -28.35 -20.94 21.42
C ASP B 185 -27.39 -19.76 21.45
N ALA B 186 -26.11 -19.99 21.18
CA ALA B 186 -25.15 -18.88 21.13
C ALA B 186 -25.47 -17.94 19.99
N PHE B 187 -25.91 -18.47 18.85
CA PHE B 187 -26.27 -17.67 17.69
C PHE B 187 -27.74 -17.27 17.68
N ASN B 188 -28.49 -17.60 18.73
CA ASN B 188 -29.89 -17.23 18.87
C ASN B 188 -30.71 -17.69 17.66
N ALA B 189 -30.61 -18.98 17.34
CA ALA B 189 -31.27 -19.54 16.17
C ALA B 189 -31.66 -20.98 16.48
N SER B 190 -32.30 -21.62 15.51
CA SER B 190 -32.71 -23.00 15.62
C SER B 190 -31.64 -23.92 15.04
N GLU B 191 -31.73 -25.21 15.40
CA GLU B 191 -30.73 -26.16 14.92
C GLU B 191 -30.80 -26.31 13.40
N ILE B 192 -32.01 -26.33 12.84
CA ILE B 192 -32.14 -26.49 11.39
C ILE B 192 -31.60 -25.27 10.66
N THR B 193 -31.71 -24.09 11.26
CA THR B 193 -31.13 -22.89 10.66
C THR B 193 -29.62 -23.02 10.56
N ILE B 194 -28.96 -23.38 11.65
CA ILE B 194 -27.51 -23.60 11.63
C ILE B 194 -27.16 -24.68 10.61
N ARG B 195 -27.96 -25.75 10.56
CA ARG B 195 -27.73 -26.82 9.61
C ARG B 195 -27.69 -26.30 8.18
N LYS B 196 -28.77 -25.64 7.76
CA LYS B 196 -28.84 -25.18 6.38
C LYS B 196 -27.81 -24.10 6.07
N ARG B 197 -27.51 -23.24 7.05
CA ARG B 197 -26.47 -22.22 6.85
C ARG B 197 -25.12 -22.88 6.58
N LEU B 198 -24.74 -23.85 7.42
CA LEU B 198 -23.45 -24.51 7.23
C LEU B 198 -23.44 -25.37 5.97
N GLU B 199 -24.57 -25.96 5.60
CA GLU B 199 -24.62 -26.76 4.38
C GLU B 199 -24.54 -25.88 3.14
N SER B 200 -25.03 -24.65 3.23
CA SER B 200 -24.84 -23.70 2.13
C SER B 200 -23.39 -23.23 2.07
N GLU B 201 -22.70 -23.20 3.21
CA GLU B 201 -21.26 -22.97 3.25
C GLU B 201 -20.46 -24.23 2.94
N ASN B 202 -21.12 -25.31 2.54
CA ASN B 202 -20.47 -26.58 2.20
C ASN B 202 -19.66 -27.13 3.36
N THR B 203 -20.30 -27.22 4.53
CA THR B 203 -19.66 -27.74 5.73
C THR B 203 -20.74 -28.14 6.72
N ASN B 204 -20.30 -28.55 7.92
CA ASN B 204 -21.21 -28.87 9.00
C ASN B 204 -20.46 -28.68 10.32
N PHE B 205 -21.23 -28.69 11.42
CA PHE B 205 -20.66 -28.40 12.73
C PHE B 205 -19.57 -29.40 13.10
N ASN B 206 -19.86 -30.70 12.96
CA ASN B 206 -18.87 -31.72 13.27
C ASN B 206 -17.64 -31.56 12.38
N GLN B 207 -17.85 -31.29 11.09
CA GLN B 207 -16.74 -31.09 10.16
C GLN B 207 -15.95 -29.84 10.50
N ILE B 208 -16.64 -28.74 10.80
CA ILE B 208 -15.96 -27.53 11.28
C ILE B 208 -15.04 -27.86 12.45
N LEU B 209 -15.58 -28.59 13.45
CA LEU B 209 -14.78 -28.95 14.61
C LEU B 209 -13.57 -29.79 14.22
N MET B 210 -13.79 -30.81 13.38
CA MET B 210 -12.71 -31.68 12.95
C MET B 210 -11.64 -30.91 12.21
N GLN B 211 -12.04 -30.04 11.27
CA GLN B 211 -11.09 -29.22 10.53
C GLN B 211 -10.26 -28.36 11.46
N LEU B 212 -10.91 -27.66 12.40
CA LEU B 212 -10.18 -26.83 13.35
C LEU B 212 -9.15 -27.65 14.13
N ARG B 213 -9.60 -28.76 14.73
CA ARG B 213 -8.71 -29.59 15.53
C ARG B 213 -7.56 -30.13 14.71
N MET B 214 -7.84 -30.61 13.50
CA MET B 214 -6.79 -31.23 12.69
C MET B 214 -5.81 -30.20 12.14
N SER B 215 -6.31 -29.00 11.84
CA SER B 215 -5.39 -27.91 11.40
C SER B 215 -4.41 -27.64 12.54
N LYS B 216 -4.94 -27.34 13.73
CA LYS B 216 -4.08 -27.11 14.92
C LYS B 216 -3.09 -28.26 15.06
N ALA B 217 -3.60 -29.49 15.04
CA ALA B 217 -2.72 -30.68 15.15
C ALA B 217 -1.52 -30.53 14.20
N ALA B 218 -1.78 -30.19 12.93
CA ALA B 218 -0.69 -30.04 11.94
C ALA B 218 0.19 -28.84 12.32
N LEU B 219 -0.43 -27.76 12.80
CA LEU B 219 0.34 -26.57 13.24
C LEU B 219 1.12 -26.94 14.51
N LEU B 220 0.52 -27.76 15.39
CA LEU B 220 1.24 -28.25 16.59
C LEU B 220 2.31 -29.23 16.12
N LEU B 221 2.09 -29.87 14.97
CA LEU B 221 3.13 -30.74 14.38
C LEU B 221 4.13 -29.83 13.68
N LEU B 222 5.17 -30.41 13.05
CA LEU B 222 6.24 -29.59 12.40
C LEU B 222 6.71 -28.49 13.36
N GLU B 223 6.53 -28.67 14.68
CA GLU B 223 7.00 -27.69 15.68
C GLU B 223 8.19 -28.30 16.40
N ASN B 224 8.35 -29.61 16.21
CA ASN B 224 9.51 -30.32 16.83
C ASN B 224 9.60 -29.95 18.31
N SER B 225 8.52 -29.48 18.93
CA SER B 225 8.64 -29.21 20.39
C SER B 225 7.46 -29.89 21.09
N TYR B 226 6.39 -30.11 20.37
CA TYR B 226 5.18 -30.73 20.99
C TYR B 226 5.04 -32.16 20.46
N GLN B 227 4.60 -33.06 21.33
CA GLN B 227 4.53 -34.48 20.94
C GLN B 227 3.09 -34.95 20.96
N ILE B 228 2.80 -36.03 20.24
CA ILE B 228 1.42 -36.59 20.20
C ILE B 228 0.90 -36.70 21.63
N SER B 229 1.73 -37.20 22.56
CA SER B 229 1.18 -37.39 23.91
C SER B 229 0.45 -36.18 24.47
N GLN B 230 0.66 -34.99 23.93
CA GLN B 230 0.00 -33.80 24.45
C GLN B 230 -0.67 -32.94 23.38
N ILE B 231 -0.40 -33.18 22.10
CA ILE B 231 -1.10 -32.42 21.06
C ILE B 231 -2.57 -32.80 21.02
N SER B 232 -2.87 -34.09 21.19
CA SER B 232 -4.27 -34.54 21.28
C SER B 232 -5.00 -33.82 22.41
N ASN B 233 -4.34 -33.67 23.57
CA ASN B 233 -4.98 -32.98 24.68
C ASN B 233 -5.16 -31.50 24.37
N MET B 234 -4.17 -30.86 23.75
CA MET B 234 -4.33 -29.47 23.36
C MET B 234 -5.51 -29.27 22.40
N ILE B 235 -5.68 -30.19 21.45
CA ILE B 235 -6.79 -30.06 20.50
C ILE B 235 -8.10 -30.59 21.05
N GLY B 236 -8.09 -31.30 22.17
CA GLY B 236 -9.31 -31.75 22.82
C GLY B 236 -9.50 -33.25 22.87
N ILE B 237 -8.71 -34.04 22.15
CA ILE B 237 -8.88 -35.49 22.18
C ILE B 237 -8.15 -36.06 23.38
N SER B 238 -8.83 -36.95 24.12
CA SER B 238 -8.26 -37.48 25.35
C SER B 238 -7.22 -38.57 25.07
N SER B 239 -7.51 -39.49 24.16
CA SER B 239 -6.63 -40.61 23.87
C SER B 239 -5.82 -40.32 22.62
N ALA B 240 -4.50 -40.48 22.71
CA ALA B 240 -3.62 -40.14 21.61
C ALA B 240 -3.66 -41.17 20.48
N SER B 241 -4.02 -42.42 20.78
CA SER B 241 -4.19 -43.41 19.72
C SER B 241 -5.37 -43.06 18.83
N TYR B 242 -6.49 -42.66 19.44
CA TYR B 242 -7.63 -42.17 18.67
C TYR B 242 -7.24 -40.95 17.84
N PHE B 243 -6.39 -40.09 18.39
CA PHE B 243 -5.93 -38.92 17.63
C PHE B 243 -5.06 -39.34 16.45
N ILE B 244 -4.22 -40.35 16.63
CA ILE B 244 -3.41 -40.84 15.53
C ILE B 244 -4.30 -41.37 14.40
N ARG B 245 -5.31 -42.18 14.78
CA ARG B 245 -6.22 -42.71 13.78
C ARG B 245 -7.02 -41.60 13.09
N ILE B 246 -7.42 -40.57 13.85
CA ILE B 246 -8.23 -39.50 13.29
C ILE B 246 -7.38 -38.63 12.36
N PHE B 247 -6.12 -38.39 12.71
CA PHE B 247 -5.22 -37.65 11.82
C PHE B 247 -4.96 -38.44 10.54
N ASN B 248 -4.67 -39.74 10.67
CA ASN B 248 -4.44 -40.59 9.50
C ASN B 248 -5.69 -40.72 8.64
N LYS B 249 -6.87 -40.50 9.23
CA LYS B 249 -8.11 -40.51 8.46
C LYS B 249 -8.33 -39.18 7.75
N HIS B 250 -8.21 -38.07 8.49
CA HIS B 250 -8.44 -36.74 7.93
C HIS B 250 -7.47 -36.44 6.80
N TYR B 251 -6.16 -36.49 7.11
CA TYR B 251 -5.16 -36.14 6.10
C TYR B 251 -4.75 -37.31 5.22
N GLY B 252 -5.05 -38.54 5.62
CA GLY B 252 -4.60 -39.70 4.89
C GLY B 252 -3.16 -40.09 5.13
N VAL B 253 -2.37 -39.23 5.76
CA VAL B 253 -0.99 -39.53 6.11
C VAL B 253 -0.89 -39.70 7.62
N THR B 254 -0.12 -40.69 8.05
CA THR B 254 0.18 -40.83 9.47
C THR B 254 0.89 -39.58 9.96
N PRO B 255 0.66 -39.17 11.21
CA PRO B 255 1.33 -37.97 11.72
C PRO B 255 2.83 -37.99 11.57
N LYS B 256 3.46 -39.18 11.61
CA LYS B 256 4.89 -39.26 11.45
C LYS B 256 5.32 -38.95 10.02
N GLN B 257 4.56 -39.44 9.03
CA GLN B 257 4.86 -39.09 7.64
C GLN B 257 4.71 -37.59 7.41
N PHE B 258 3.65 -37.01 7.95
CA PHE B 258 3.46 -35.55 7.88
C PHE B 258 4.64 -34.81 8.50
N PHE B 259 5.14 -35.30 9.63
CA PHE B 259 6.27 -34.64 10.27
C PHE B 259 7.55 -34.80 9.46
N THR B 260 7.77 -35.98 8.87
CA THR B 260 9.02 -36.24 8.17
C THR B 260 9.08 -35.58 6.80
N TYR B 261 7.93 -35.35 6.17
CA TYR B 261 7.95 -34.71 4.86
C TYR B 261 8.28 -33.22 4.94
N PHE B 262 7.97 -32.58 6.07
CA PHE B 262 8.21 -31.16 6.26
C PHE B 262 9.46 -30.88 7.09
N LYS B 263 10.39 -31.81 7.16
CA LYS B 263 11.60 -31.63 7.95
C LYS B 263 12.46 -30.49 7.38
#